data_5MW0
#
_entry.id   5MW0
#
_cell.length_a   45.769
_cell.length_b   43.930
_cell.length_c   68.640
_cell.angle_alpha   90.00
_cell.angle_beta   108.28
_cell.angle_gamma   90.00
#
_symmetry.space_group_name_H-M   'P 1 21 1'
#
loop_
_entity.id
_entity.type
_entity.pdbx_description
1 polymer Centrosomin
2 polymer Centrosomin
3 non-polymer 'ZINC ION'
4 water water
#
loop_
_entity_poly.entity_id
_entity_poly.type
_entity_poly.pdbx_seq_one_letter_code
_entity_poly.pdbx_strand_id
1 'polypeptide(L)' GGSHDCAKVDLENAELRRKLIRTKRAFEDTYEKLRMANKAKAQVEKDIKNQILKTHNVLRNVRSNMENEL A,B
2 'polypeptide(L)' GPMDQQNSAVIGQLRLELQQARTEVETADKWRLECIDVCSVLTNRLEEEAGFLNSLLK C,D
#
loop_
_chem_comp.id
_chem_comp.type
_chem_comp.name
_chem_comp.formula
ZN non-polymer 'ZINC ION' 'Zn 2'
#
# COMPACT_ATOMS: atom_id res chain seq x y z
N GLY A 1 40.12 8.58 -51.36
CA GLY A 1 41.39 8.76 -52.05
C GLY A 1 42.25 7.51 -52.07
N GLY A 2 42.77 7.14 -50.89
CA GLY A 2 43.61 5.97 -50.80
C GLY A 2 42.85 4.68 -51.02
N SER A 3 42.32 4.12 -49.95
CA SER A 3 41.51 2.91 -50.02
C SER A 3 40.04 3.17 -49.68
N HIS A 4 39.66 4.42 -49.43
CA HIS A 4 38.28 4.77 -49.14
C HIS A 4 37.91 6.01 -49.93
N ASP A 5 36.63 6.40 -49.86
CA ASP A 5 36.16 7.68 -50.39
C ASP A 5 36.28 8.72 -49.28
N CYS A 6 37.24 9.64 -49.46
CA CYS A 6 37.63 10.56 -48.39
C CYS A 6 36.46 11.42 -47.94
N ALA A 7 35.79 12.06 -48.89
CA ALA A 7 34.62 12.86 -48.56
C ALA A 7 33.55 12.03 -47.87
N LYS A 8 33.33 10.80 -48.36
CA LYS A 8 32.27 9.97 -47.81
C LYS A 8 32.55 9.64 -46.34
N VAL A 9 33.80 9.30 -46.01
CA VAL A 9 34.11 8.94 -44.62
C VAL A 9 34.13 10.19 -43.74
N ASP A 10 34.46 11.37 -44.30
CA ASP A 10 34.31 12.58 -43.50
C ASP A 10 32.85 12.80 -43.12
N LEU A 11 31.94 12.71 -44.10
CA LEU A 11 30.52 12.87 -43.81
C LEU A 11 30.03 11.82 -42.83
N GLU A 12 30.45 10.58 -43.01
CA GLU A 12 29.97 9.51 -42.15
C GLU A 12 30.49 9.66 -40.72
N ASN A 13 31.74 10.10 -40.56
CA ASN A 13 32.25 10.38 -39.22
C ASN A 13 31.44 11.50 -38.57
N ALA A 14 31.20 12.59 -39.29
CA ALA A 14 30.42 13.69 -38.71
C ALA A 14 29.04 13.22 -38.30
N GLU A 15 28.38 12.42 -39.14
CA GLU A 15 27.06 11.92 -38.78
C GLU A 15 27.10 10.96 -37.59
N LEU A 16 28.12 10.11 -37.52
CA LEU A 16 28.28 9.20 -36.39
C LEU A 16 28.48 9.98 -35.10
N ARG A 17 29.25 11.07 -35.15
CA ARG A 17 29.41 11.90 -33.97
C ARG A 17 28.09 12.54 -33.55
N ARG A 18 27.32 13.04 -34.53
CA ARG A 18 26.00 13.58 -34.20
C ARG A 18 25.12 12.52 -33.55
N LYS A 19 25.02 11.34 -34.17
CA LYS A 19 24.19 10.26 -33.64
C LYS A 19 24.65 9.85 -32.25
N LEU A 20 25.96 9.85 -32.02
CA LEU A 20 26.51 9.44 -30.73
C LEU A 20 26.19 10.45 -29.65
N ILE A 21 26.25 11.74 -29.97
CA ILE A 21 25.85 12.75 -29.00
C ILE A 21 24.37 12.60 -28.66
N ARG A 22 23.54 12.41 -29.68
CA ARG A 22 22.11 12.25 -29.44
C ARG A 22 21.81 11.01 -28.61
N THR A 23 22.46 9.89 -28.94
CA THR A 23 22.21 8.64 -28.25
C THR A 23 22.78 8.66 -26.84
N LYS A 24 23.94 9.28 -26.65
CA LYS A 24 24.48 9.49 -25.31
C LYS A 24 23.51 10.29 -24.45
N ARG A 25 22.99 11.39 -25.01
CA ARG A 25 22.06 12.22 -24.25
C ARG A 25 20.77 11.47 -23.92
N ALA A 26 20.26 10.70 -24.87
CA ALA A 26 19.08 9.88 -24.61
C ALA A 26 19.36 8.88 -23.50
N PHE A 27 20.52 8.22 -23.54
CA PHE A 27 20.84 7.22 -22.54
C PHE A 27 21.04 7.85 -21.17
N GLU A 28 21.68 9.01 -21.10
CA GLU A 28 21.88 9.66 -19.81
C GLU A 28 20.56 10.15 -19.23
N ASP A 29 19.68 10.72 -20.07
CA ASP A 29 18.38 11.18 -19.60
C ASP A 29 17.52 10.03 -19.11
N THR A 30 17.48 8.95 -19.89
CA THR A 30 16.69 7.78 -19.51
C THR A 30 17.25 7.14 -18.25
N TYR A 31 18.58 7.09 -18.14
CA TYR A 31 19.19 6.49 -16.96
C TYR A 31 18.88 7.33 -15.73
N GLU A 32 18.89 8.65 -15.86
CA GLU A 32 18.52 9.50 -14.73
C GLU A 32 17.06 9.29 -14.34
N LYS A 33 16.18 9.18 -15.32
CA LYS A 33 14.78 8.89 -15.02
C LYS A 33 14.65 7.55 -14.29
N LEU A 34 15.45 6.56 -14.71
CA LEU A 34 15.39 5.25 -14.06
C LEU A 34 15.95 5.30 -12.65
N ARG A 35 17.02 6.06 -12.45
CA ARG A 35 17.61 6.21 -11.13
C ARG A 35 16.63 6.87 -10.17
N MET A 36 15.96 7.93 -10.64
CA MET A 36 14.94 8.58 -9.82
C MET A 36 13.79 7.63 -9.52
N ALA A 37 13.37 6.83 -10.51
CA ALA A 37 12.28 5.89 -10.29
C ALA A 37 12.67 4.85 -9.24
N ASN A 38 13.89 4.30 -9.36
CA ASN A 38 14.35 3.32 -8.39
C ASN A 38 14.44 3.91 -6.99
N LYS A 39 14.94 5.15 -6.88
CA LYS A 39 15.06 5.77 -5.57
C LYS A 39 13.69 5.96 -4.93
N ALA A 40 12.75 6.52 -5.70
CA ALA A 40 11.41 6.73 -5.19
C ALA A 40 10.76 5.41 -4.78
N LYS A 41 10.95 4.37 -5.57
CA LYS A 41 10.40 3.06 -5.24
C LYS A 41 11.02 2.51 -3.96
N ALA A 42 12.33 2.70 -3.78
CA ALA A 42 12.97 2.25 -2.55
C ALA A 42 12.38 2.95 -1.33
N GLN A 43 12.20 4.27 -1.42
CA GLN A 43 11.57 5.01 -0.32
C GLN A 43 10.16 4.48 -0.06
N VAL A 44 9.40 4.25 -1.13
CA VAL A 44 8.05 3.71 -0.97
C VAL A 44 8.08 2.39 -0.23
N GLU A 45 9.04 1.52 -0.57
CA GLU A 45 9.07 0.21 0.07
C GLU A 45 9.44 0.33 1.54
N LYS A 46 10.32 1.28 1.90
CA LYS A 46 10.58 1.50 3.32
C LYS A 46 9.31 1.91 4.06
N ASP A 47 8.58 2.89 3.50
CA ASP A 47 7.35 3.36 4.12
C ASP A 47 6.30 2.26 4.18
N ILE A 48 6.21 1.43 3.15
CA ILE A 48 5.30 0.29 3.17
C ILE A 48 5.67 -0.64 4.32
N LYS A 49 6.95 -0.90 4.52
CA LYS A 49 7.36 -1.74 5.64
C LYS A 49 6.85 -1.18 6.96
N ASN A 50 7.10 0.10 7.20
CA ASN A 50 6.66 0.70 8.46
C ASN A 50 5.14 0.62 8.61
N GLN A 51 4.41 0.78 7.51
CA GLN A 51 2.96 0.67 7.60
C GLN A 51 2.51 -0.75 7.96
N ILE A 52 3.11 -1.77 7.34
CA ILE A 52 2.79 -3.15 7.68
C ILE A 52 3.08 -3.41 9.15
N LEU A 53 4.22 -2.92 9.65
CA LEU A 53 4.57 -3.13 11.05
C LEU A 53 3.56 -2.45 11.98
N LYS A 54 3.12 -1.24 11.63
CA LYS A 54 2.12 -0.56 12.44
C LYS A 54 0.81 -1.36 12.46
N THR A 55 0.39 -1.86 11.30
CA THR A 55 -0.85 -2.63 11.26
C THR A 55 -0.73 -3.92 12.06
N HIS A 56 0.36 -4.66 11.91
CA HIS A 56 0.50 -5.89 12.69
C HIS A 56 0.61 -5.60 14.17
N ASN A 57 1.21 -4.46 14.54
CA ASN A 57 1.29 -4.08 15.95
C ASN A 57 -0.11 -3.84 16.51
N VAL A 58 -0.95 -3.14 15.74
CA VAL A 58 -2.32 -2.91 16.17
C VAL A 58 -3.07 -4.24 16.30
N LEU A 59 -2.98 -5.07 15.28
CA LEU A 59 -3.72 -6.33 15.29
C LEU A 59 -3.27 -7.21 16.44
N ARG A 60 -1.98 -7.23 16.73
CA ARG A 60 -1.46 -8.02 17.83
C ARG A 60 -1.99 -7.50 19.17
N ASN A 61 -1.91 -6.18 19.37
CA ASN A 61 -2.44 -5.61 20.61
C ASN A 61 -3.95 -5.78 20.72
N VAL A 62 -4.63 -6.09 19.62
CA VAL A 62 -6.06 -6.39 19.68
C VAL A 62 -6.27 -7.86 20.01
N VAL B 10 -40.43 -16.11 52.67
CA VAL B 10 -39.08 -16.35 53.15
C VAL B 10 -38.30 -17.19 52.14
N ILE B 11 -37.67 -16.54 51.16
CA ILE B 11 -36.86 -17.22 50.15
C ILE B 11 -35.42 -16.71 50.15
N GLY B 12 -35.24 -15.39 50.03
CA GLY B 12 -33.91 -14.82 50.16
C GLY B 12 -32.98 -15.01 48.98
N GLN B 13 -32.84 -16.26 48.52
CA GLN B 13 -31.89 -16.62 47.49
C GLN B 13 -32.05 -15.83 46.20
N LEU B 14 -33.25 -15.30 45.94
CA LEU B 14 -33.48 -14.56 44.71
C LEU B 14 -32.52 -13.37 44.56
N ARG B 15 -32.01 -12.84 45.68
CA ARG B 15 -31.07 -11.73 45.61
C ARG B 15 -29.85 -12.08 44.77
N LEU B 16 -29.31 -13.29 44.90
CA LEU B 16 -28.17 -13.66 44.07
C LEU B 16 -28.56 -13.74 42.61
N GLU B 17 -29.66 -14.43 42.31
CA GLU B 17 -30.09 -14.60 40.92
C GLU B 17 -30.38 -13.26 40.27
N LEU B 18 -31.01 -12.33 41.01
CA LEU B 18 -31.24 -11.00 40.45
C LEU B 18 -29.93 -10.22 40.34
N GLN B 19 -29.00 -10.43 41.28
CA GLN B 19 -27.70 -9.77 41.20
C GLN B 19 -26.80 -10.42 40.14
N GLN B 20 -26.90 -11.74 39.98
CA GLN B 20 -26.17 -12.39 38.89
C GLN B 20 -26.60 -11.84 37.53
N ALA B 21 -27.90 -11.60 37.35
CA ALA B 21 -28.37 -10.97 36.12
C ALA B 21 -27.81 -9.57 35.98
N ARG B 22 -27.74 -8.81 37.08
CA ARG B 22 -27.12 -7.50 37.02
C ARG B 22 -25.61 -7.60 36.83
N THR B 23 -24.98 -8.65 37.36
CA THR B 23 -23.57 -8.89 37.08
C THR B 23 -23.37 -9.25 35.61
N GLU B 24 -24.36 -9.90 35.00
CA GLU B 24 -24.26 -10.21 33.58
C GLU B 24 -24.35 -8.95 32.71
N VAL B 25 -25.17 -7.98 33.13
CA VAL B 25 -25.22 -6.71 32.44
C VAL B 25 -23.89 -5.99 32.56
N GLU B 26 -23.27 -6.07 33.74
CA GLU B 26 -21.96 -5.46 33.96
C GLU B 26 -20.90 -6.10 33.06
N THR B 27 -20.92 -7.43 32.95
CA THR B 27 -19.95 -8.13 32.11
C THR B 27 -20.16 -7.78 30.64
N ALA B 28 -21.41 -7.85 30.17
CA ALA B 28 -21.70 -7.54 28.78
C ALA B 28 -21.29 -6.10 28.45
N ASP B 29 -21.61 -5.16 29.33
CA ASP B 29 -21.24 -3.77 29.10
C ASP B 29 -19.74 -3.58 29.13
N LYS B 30 -19.04 -4.32 30.00
CA LYS B 30 -17.59 -4.21 30.07
C LYS B 30 -16.93 -4.68 28.78
N TRP B 31 -17.30 -5.87 28.31
CA TRP B 31 -16.76 -6.37 27.05
C TRP B 31 -17.17 -5.51 25.88
N ARG B 32 -18.37 -4.90 25.95
CA ARG B 32 -18.80 -4.02 24.87
C ARG B 32 -17.96 -2.75 24.81
N LEU B 33 -17.68 -2.16 25.98
CA LEU B 33 -16.84 -0.96 26.00
C LEU B 33 -15.42 -1.27 25.53
N GLU B 34 -14.87 -2.42 25.96
CA GLU B 34 -13.57 -2.81 25.43
C GLU B 34 -13.63 -2.97 23.93
N CYS B 35 -14.69 -3.59 23.41
CA CYS B 35 -14.85 -3.73 21.97
C CYS B 35 -14.93 -2.37 21.29
N ILE B 36 -15.58 -1.40 21.92
CA ILE B 36 -15.66 -0.08 21.30
C ILE B 36 -14.28 0.54 21.19
N ASP B 37 -13.46 0.38 22.23
CA ASP B 37 -12.08 0.85 22.16
C ASP B 37 -11.33 0.15 21.02
N VAL B 38 -11.50 -1.16 20.89
CA VAL B 38 -10.86 -1.90 19.81
C VAL B 38 -11.28 -1.32 18.46
N CYS B 39 -12.59 -1.18 18.23
CA CYS B 39 -13.09 -0.69 16.96
C CYS B 39 -12.57 0.70 16.64
N SER B 40 -12.41 1.53 17.67
CA SER B 40 -11.85 2.86 17.48
C SER B 40 -10.39 2.79 17.00
N VAL B 41 -9.60 1.92 17.63
CA VAL B 41 -8.20 1.76 17.21
C VAL B 41 -8.12 1.21 15.80
N LEU B 42 -8.94 0.19 15.48
CA LEU B 42 -8.89 -0.42 14.15
C LEU B 42 -9.35 0.56 13.08
N THR B 43 -10.39 1.34 13.39
CA THR B 43 -10.88 2.35 12.46
C THR B 43 -9.80 3.38 12.19
N ASN B 44 -9.16 3.88 13.25
CA ASN B 44 -8.09 4.84 13.08
C ASN B 44 -6.95 4.25 12.23
N ARG B 45 -6.60 2.99 12.48
CA ARG B 45 -5.51 2.39 11.70
C ARG B 45 -5.91 2.23 10.23
N LEU B 46 -7.16 1.86 9.95
CA LEU B 46 -7.61 1.76 8.56
C LEU B 46 -7.63 3.13 7.89
N GLU B 47 -8.02 4.17 8.61
CA GLU B 47 -8.00 5.52 8.04
C GLU B 47 -6.58 5.95 7.72
N GLU B 48 -5.66 5.71 8.66
CA GLU B 48 -4.25 6.04 8.42
C GLU B 48 -3.73 5.26 7.23
N GLU B 49 -4.08 3.98 7.13
CA GLU B 49 -3.52 3.13 6.08
C GLU B 49 -4.07 3.52 4.73
N ALA B 50 -5.36 3.84 4.66
CA ALA B 50 -5.93 4.34 3.42
C ALA B 50 -5.31 5.67 3.01
N GLY B 51 -5.06 6.55 4.00
CA GLY B 51 -4.38 7.78 3.69
C GLY B 51 -2.99 7.54 3.15
N PHE B 52 -2.28 6.56 3.71
CA PHE B 52 -0.95 6.22 3.23
C PHE B 52 -1.01 5.71 1.80
N LEU B 53 -1.89 4.75 1.54
CA LEU B 53 -2.07 4.23 0.18
C LEU B 53 -2.40 5.34 -0.80
N ASN B 54 -3.28 6.26 -0.41
CA ASN B 54 -3.56 7.40 -1.27
C ASN B 54 -2.30 8.23 -1.51
N SER B 55 -1.47 8.39 -0.46
CA SER B 55 -0.25 9.16 -0.60
C SER B 55 0.68 8.51 -1.61
N LEU B 56 0.58 7.19 -1.79
CA LEU B 56 1.41 6.55 -2.82
C LEU B 56 1.00 6.91 -4.24
N LEU B 57 -0.19 7.49 -4.41
CA LEU B 57 -0.69 7.86 -5.74
C LEU B 57 -0.29 9.30 -6.00
N LYS B 58 0.85 9.50 -6.63
CA LYS B 58 1.34 10.84 -6.89
C LYS B 58 2.31 10.84 -8.06
N SER C 8 -46.85 -9.71 51.93
CA SER C 8 -47.68 -8.79 51.16
C SER C 8 -47.35 -8.88 49.66
N ALA C 9 -47.36 -7.74 48.98
CA ALA C 9 -47.23 -7.69 47.52
C ALA C 9 -45.88 -7.07 47.14
N VAL C 10 -44.82 -7.84 47.36
CA VAL C 10 -43.48 -7.48 46.89
C VAL C 10 -43.15 -8.16 45.57
N ILE C 11 -43.87 -9.22 45.21
CA ILE C 11 -43.58 -9.94 43.97
C ILE C 11 -43.85 -9.05 42.76
N GLY C 12 -44.82 -8.14 42.85
CA GLY C 12 -45.20 -7.36 41.70
C GLY C 12 -44.10 -6.46 41.18
N GLN C 13 -43.59 -5.56 42.03
CA GLN C 13 -42.56 -4.64 41.57
C GLN C 13 -41.27 -5.37 41.20
N LEU C 14 -40.96 -6.46 41.90
CA LEU C 14 -39.74 -7.21 41.60
C LEU C 14 -39.77 -7.82 40.21
N ARG C 15 -40.96 -8.25 39.77
CA ARG C 15 -41.12 -8.72 38.40
C ARG C 15 -40.83 -7.60 37.41
N LEU C 16 -41.28 -6.38 37.72
CA LEU C 16 -41.03 -5.24 36.86
C LEU C 16 -39.53 -4.97 36.75
N GLU C 17 -38.85 -4.92 37.90
CA GLU C 17 -37.41 -4.66 37.88
C GLU C 17 -36.66 -5.76 37.12
N LEU C 18 -37.10 -7.01 37.26
CA LEU C 18 -36.46 -8.11 36.53
C LEU C 18 -36.73 -8.01 35.03
N GLN C 19 -37.89 -7.50 34.62
CA GLN C 19 -38.15 -7.35 33.20
C GLN C 19 -37.34 -6.20 32.62
N GLN C 20 -37.18 -5.11 33.38
CA GLN C 20 -36.26 -4.05 32.95
C GLN C 20 -34.84 -4.57 32.84
N ALA C 21 -34.42 -5.41 33.78
CA ALA C 21 -33.09 -6.02 33.70
C ALA C 21 -32.98 -6.91 32.46
N ARG C 22 -34.05 -7.63 32.13
CA ARG C 22 -34.05 -8.42 30.91
C ARG C 22 -33.85 -7.54 29.67
N THR C 23 -34.56 -6.42 29.61
CA THR C 23 -34.34 -5.48 28.51
C THR C 23 -32.92 -4.94 28.51
N GLU C 24 -32.31 -4.79 29.69
CA GLU C 24 -30.93 -4.31 29.78
C GLU C 24 -29.94 -5.34 29.26
N VAL C 25 -30.18 -6.64 29.54
CA VAL C 25 -29.34 -7.68 28.96
C VAL C 25 -29.52 -7.75 27.45
N GLU C 26 -30.76 -7.57 26.98
CA GLU C 26 -31.02 -7.57 25.55
C GLU C 26 -30.27 -6.43 24.86
N THR C 27 -30.31 -5.24 25.45
CA THR C 27 -29.62 -4.10 24.85
C THR C 27 -28.10 -4.27 24.91
N ALA C 28 -27.57 -4.60 26.09
CA ALA C 28 -26.12 -4.73 26.23
C ALA C 28 -25.56 -5.83 25.32
N ASP C 29 -26.22 -6.99 25.31
CA ASP C 29 -25.76 -8.09 24.48
C ASP C 29 -25.93 -7.77 23.00
N LYS C 30 -27.01 -7.07 22.65
CA LYS C 30 -27.25 -6.72 21.25
C LYS C 30 -26.18 -5.77 20.73
N TRP C 31 -25.93 -4.67 21.44
CA TRP C 31 -24.91 -3.73 21.02
C TRP C 31 -23.51 -4.33 21.12
N ARG C 32 -23.32 -5.29 22.03
CA ARG C 32 -22.03 -5.97 22.13
C ARG C 32 -21.78 -6.85 20.89
N LEU C 33 -22.79 -7.61 20.47
CA LEU C 33 -22.63 -8.42 19.26
C LEU C 33 -22.48 -7.55 18.02
N GLU C 34 -23.23 -6.46 17.93
CA GLU C 34 -23.03 -5.53 16.81
C GLU C 34 -21.60 -4.99 16.81
N CYS C 35 -21.08 -4.64 17.98
CA CYS C 35 -19.70 -4.17 18.04
C CYS C 35 -18.73 -5.26 17.59
N ILE C 36 -19.01 -6.51 17.97
CA ILE C 36 -18.12 -7.60 17.58
C ILE C 36 -18.15 -7.79 16.06
N ASP C 37 -19.34 -7.69 15.46
CA ASP C 37 -19.42 -7.77 14.01
C ASP C 37 -18.60 -6.66 13.36
N VAL C 38 -18.72 -5.42 13.87
CA VAL C 38 -17.91 -4.33 13.35
C VAL C 38 -16.43 -4.68 13.45
N CYS C 39 -15.99 -5.08 14.64
CA CYS C 39 -14.58 -5.39 14.84
C CYS C 39 -14.11 -6.49 13.92
N SER C 40 -14.99 -7.45 13.60
CA SER C 40 -14.64 -8.52 12.68
C SER C 40 -14.43 -7.98 11.27
N VAL C 41 -15.31 -7.10 10.80
CA VAL C 41 -15.17 -6.52 9.48
C VAL C 41 -13.90 -5.67 9.39
N LEU C 42 -13.66 -4.85 10.41
CA LEU C 42 -12.48 -3.98 10.41
C LEU C 42 -11.20 -4.79 10.47
N THR C 43 -11.19 -5.85 11.30
CA THR C 43 -10.01 -6.70 11.39
C THR C 43 -9.73 -7.42 10.07
N ASN C 44 -10.77 -8.00 9.48
CA ASN C 44 -10.58 -8.67 8.19
C ASN C 44 -10.07 -7.69 7.13
N ARG C 45 -10.61 -6.46 7.13
CA ARG C 45 -10.13 -5.49 6.15
C ARG C 45 -8.69 -5.10 6.41
N LEU C 46 -8.28 -4.97 7.68
CA LEU C 46 -6.89 -4.65 7.99
C LEU C 46 -5.96 -5.78 7.59
N GLU C 47 -6.40 -7.02 7.76
CA GLU C 47 -5.60 -8.17 7.34
C GLU C 47 -5.47 -8.20 5.83
N GLU C 48 -6.57 -7.98 5.11
CA GLU C 48 -6.49 -7.95 3.65
C GLU C 48 -5.56 -6.84 3.19
N GLU C 49 -5.67 -5.66 3.80
CA GLU C 49 -4.87 -4.53 3.34
C GLU C 49 -3.40 -4.74 3.68
N ALA C 50 -3.10 -5.30 4.85
CA ALA C 50 -1.72 -5.62 5.18
C ALA C 50 -1.17 -6.66 4.22
N GLY C 51 -1.97 -7.65 3.85
CA GLY C 51 -1.54 -8.60 2.85
C GLY C 51 -1.25 -7.94 1.52
N PHE C 52 -2.07 -6.97 1.14
CA PHE C 52 -1.84 -6.25 -0.11
C PHE C 52 -0.53 -5.48 -0.06
N LEU C 53 -0.34 -4.71 1.02
CA LEU C 53 0.91 -3.96 1.19
C LEU C 53 2.11 -4.88 1.13
N ASN C 54 2.02 -6.05 1.78
CA ASN C 54 3.09 -7.02 1.68
C ASN C 54 3.30 -7.46 0.24
N SER C 55 2.21 -7.62 -0.51
CA SER C 55 2.35 -8.02 -1.91
C SER C 55 3.10 -6.98 -2.72
N LEU C 56 3.08 -5.71 -2.29
CA LEU C 56 3.81 -4.68 -3.02
C LEU C 56 5.32 -4.79 -2.86
N LEU C 57 5.82 -5.58 -1.92
CA LEU C 57 7.25 -5.67 -1.66
C LEU C 57 7.95 -6.75 -2.48
N LYS C 58 7.19 -7.61 -3.16
CA LYS C 58 7.77 -8.70 -3.92
C LYS C 58 8.53 -8.17 -5.14
N SER D 3 42.28 18.23 -46.66
CA SER D 3 42.72 16.84 -46.56
C SER D 3 42.65 16.37 -45.11
N HIS D 4 42.67 15.05 -44.93
CA HIS D 4 42.64 14.43 -43.62
C HIS D 4 43.67 13.32 -43.58
N ASP D 5 43.80 12.70 -42.41
CA ASP D 5 44.62 11.49 -42.26
C ASP D 5 43.69 10.31 -42.54
N CYS D 6 43.91 9.64 -43.67
CA CYS D 6 42.99 8.59 -44.13
C CYS D 6 42.90 7.46 -43.12
N ALA D 7 44.04 6.93 -42.68
CA ALA D 7 44.03 5.90 -41.65
C ALA D 7 43.36 6.39 -40.37
N LYS D 8 43.61 7.64 -39.99
CA LYS D 8 43.04 8.18 -38.76
C LYS D 8 41.52 8.26 -38.87
N VAL D 9 40.98 8.68 -40.02
CA VAL D 9 39.52 8.77 -40.13
C VAL D 9 38.89 7.38 -40.27
N ASP D 10 39.59 6.41 -40.87
CA ASP D 10 39.09 5.04 -40.82
C ASP D 10 39.00 4.51 -39.39
N LEU D 11 40.08 4.70 -38.62
CA LEU D 11 40.07 4.23 -37.23
C LEU D 11 38.97 4.92 -36.44
N GLU D 12 38.82 6.23 -36.63
CA GLU D 12 37.79 6.96 -35.91
C GLU D 12 36.39 6.52 -36.34
N ASN D 13 36.22 6.19 -37.62
CA ASN D 13 34.92 5.69 -38.07
C ASN D 13 34.58 4.41 -37.33
N ALA D 14 35.52 3.46 -37.30
CA ALA D 14 35.29 2.19 -36.62
C ALA D 14 35.03 2.38 -35.13
N GLU D 15 35.81 3.26 -34.49
CA GLU D 15 35.64 3.48 -33.06
C GLU D 15 34.31 4.14 -32.75
N LEU D 16 33.90 5.09 -33.59
CA LEU D 16 32.60 5.73 -33.42
C LEU D 16 31.47 4.75 -33.61
N ARG D 17 31.59 3.85 -34.59
CA ARG D 17 30.54 2.85 -34.78
C ARG D 17 30.45 1.93 -33.56
N ARG D 18 31.60 1.54 -33.02
CA ARG D 18 31.60 0.72 -31.80
C ARG D 18 30.93 1.45 -30.64
N LYS D 19 31.34 2.70 -30.38
CA LYS D 19 30.76 3.48 -29.29
C LYS D 19 29.28 3.71 -29.49
N LEU D 20 28.85 3.89 -30.75
CA LEU D 20 27.44 4.16 -31.00
C LEU D 20 26.60 2.91 -30.74
N ILE D 21 27.09 1.75 -31.16
CA ILE D 21 26.40 0.50 -30.88
C ILE D 21 26.33 0.25 -29.38
N ARG D 22 27.45 0.44 -28.67
CA ARG D 22 27.44 0.23 -27.24
C ARG D 22 26.46 1.17 -26.55
N THR D 23 26.45 2.45 -26.96
CA THR D 23 25.52 3.39 -26.33
C THR D 23 24.08 3.09 -26.72
N LYS D 24 23.84 2.66 -27.96
CA LYS D 24 22.50 2.23 -28.34
C LYS D 24 22.02 1.07 -27.48
N ARG D 25 22.87 0.06 -27.29
CA ARG D 25 22.47 -1.07 -26.44
C ARG D 25 22.20 -0.61 -25.01
N ALA D 26 23.02 0.30 -24.48
CA ALA D 26 22.82 0.77 -23.12
C ALA D 26 21.51 1.53 -22.99
N PHE D 27 21.20 2.36 -23.99
CA PHE D 27 19.96 3.12 -23.97
C PHE D 27 18.76 2.22 -24.14
N GLU D 28 18.87 1.21 -25.00
CA GLU D 28 17.74 0.31 -25.19
C GLU D 28 17.48 -0.49 -23.92
N ASP D 29 18.54 -0.93 -23.24
CA ASP D 29 18.35 -1.67 -22.00
C ASP D 29 17.75 -0.78 -20.90
N THR D 30 18.25 0.45 -20.79
CA THR D 30 17.74 1.35 -19.76
C THR D 30 16.30 1.74 -20.05
N TYR D 31 16.00 2.01 -21.32
CA TYR D 31 14.65 2.38 -21.72
C TYR D 31 13.67 1.25 -21.47
N GLU D 32 14.09 0.01 -21.74
CA GLU D 32 13.21 -1.11 -21.43
C GLU D 32 13.02 -1.28 -19.92
N LYS D 33 14.08 -1.11 -19.12
CA LYS D 33 13.93 -1.18 -17.67
C LYS D 33 12.97 -0.11 -17.16
N LEU D 34 13.05 1.09 -17.71
CA LEU D 34 12.15 2.16 -17.29
C LEU D 34 10.73 1.90 -17.73
N ARG D 35 10.55 1.40 -18.95
CA ARG D 35 9.21 1.06 -19.43
C ARG D 35 8.57 -0.03 -18.58
N MET D 36 9.33 -1.08 -18.27
CA MET D 36 8.82 -2.10 -17.36
C MET D 36 8.51 -1.52 -15.98
N ALA D 37 9.37 -0.62 -15.49
CA ALA D 37 9.11 -0.01 -14.19
C ALA D 37 7.83 0.82 -14.22
N ASN D 38 7.64 1.62 -15.26
CA ASN D 38 6.43 2.42 -15.39
C ASN D 38 5.19 1.53 -15.47
N LYS D 39 5.29 0.42 -16.21
CA LYS D 39 4.18 -0.52 -16.31
C LYS D 39 3.83 -1.11 -14.96
N ALA D 40 4.85 -1.58 -14.23
CA ALA D 40 4.64 -2.15 -12.91
C ALA D 40 4.03 -1.13 -11.95
N LYS D 41 4.52 0.11 -12.00
CA LYS D 41 3.99 1.16 -11.14
C LYS D 41 2.53 1.44 -11.47
N ALA D 42 2.20 1.45 -12.76
CA ALA D 42 0.81 1.68 -13.17
C ALA D 42 -0.11 0.60 -12.62
N GLN D 43 0.32 -0.67 -12.74
CA GLN D 43 -0.47 -1.76 -12.15
C GLN D 43 -0.62 -1.57 -10.65
N VAL D 44 0.46 -1.21 -9.98
CA VAL D 44 0.41 -1.00 -8.53
C VAL D 44 -0.63 0.07 -8.19
N GLU D 45 -0.66 1.16 -8.95
CA GLU D 45 -1.56 2.27 -8.64
C GLU D 45 -3.02 1.86 -8.85
N LYS D 46 -3.27 1.04 -9.87
CA LYS D 46 -4.62 0.52 -10.08
C LYS D 46 -5.08 -0.32 -8.89
N ASP D 47 -4.23 -1.25 -8.45
CA ASP D 47 -4.59 -2.11 -7.33
C ASP D 47 -4.74 -1.32 -6.04
N ILE D 48 -3.88 -0.31 -5.84
CA ILE D 48 -4.00 0.57 -4.68
C ILE D 48 -5.35 1.27 -4.69
N LYS D 49 -5.78 1.78 -5.85
CA LYS D 49 -7.09 2.40 -5.94
C LYS D 49 -8.19 1.43 -5.49
N ASN D 50 -8.15 0.19 -5.99
CA ASN D 50 -9.16 -0.77 -5.58
C ASN D 50 -9.14 -1.00 -4.07
N GLN D 51 -7.95 -1.05 -3.47
CA GLN D 51 -7.83 -1.28 -2.03
C GLN D 51 -8.40 -0.11 -1.23
N ILE D 52 -8.06 1.13 -1.65
CA ILE D 52 -8.61 2.33 -1.02
C ILE D 52 -10.13 2.30 -1.09
N LEU D 53 -10.67 1.89 -2.23
CA LEU D 53 -12.12 1.80 -2.38
C LEU D 53 -12.72 0.78 -1.42
N LYS D 54 -12.06 -0.38 -1.27
CA LYS D 54 -12.57 -1.38 -0.33
C LYS D 54 -12.58 -0.83 1.09
N THR D 55 -11.50 -0.17 1.50
CA THR D 55 -11.43 0.37 2.86
C THR D 55 -12.46 1.48 3.07
N HIS D 56 -12.61 2.41 2.12
CA HIS D 56 -13.61 3.45 2.32
C HIS D 56 -15.02 2.88 2.32
N ASN D 57 -15.25 1.79 1.58
CA ASN D 57 -16.56 1.14 1.67
C ASN D 57 -16.77 0.54 3.05
N VAL D 58 -15.73 -0.09 3.59
CA VAL D 58 -15.83 -0.66 4.93
C VAL D 58 -16.10 0.44 5.96
N LEU D 59 -15.30 1.51 5.93
CA LEU D 59 -15.48 2.58 6.90
C LEU D 59 -16.84 3.24 6.75
N ARG D 60 -17.35 3.32 5.51
CA ARG D 60 -18.66 3.91 5.28
C ARG D 60 -19.77 3.05 5.89
N ASN D 61 -19.69 1.72 5.69
CA ASN D 61 -20.67 0.84 6.28
C ASN D 61 -20.65 0.85 7.81
N VAL D 62 -19.62 1.41 8.43
CA VAL D 62 -19.58 1.52 9.89
C VAL D 62 -20.41 2.72 10.35
ZN ZN E . 40.97 9.71 -47.04
#